data_8HO1
#
_entry.id   8HO1
#
_cell.length_a   42.107
_cell.length_b   90.579
_cell.length_c   95.060
_cell.angle_alpha   90.00
_cell.angle_beta   90.00
_cell.angle_gamma   90.00
#
_symmetry.space_group_name_H-M   'P 21 21 21'
#
loop_
_entity.id
_entity.type
_entity.pdbx_description
1 polymer 'Cytochrome P450-F5053'
2 non-polymer 'PROTOPORPHYRIN IX CONTAINING FE'
3 non-polymer 'CALCIUM ION'
4 water water
#
_entity_poly.entity_id   1
_entity_poly.type   'polypeptide(L)'
_entity_poly.pdbx_seq_one_letter_code
;GSTLTYPFHDWSQELSPRYAQLRASDAPVCPVVSEGTGDPLWLVTRYATAVKLLEDSRFSSEAAQASGAPRQEPVELRAP
GTRGDAIAMLREAGLRSVLADGLGPRAVRRHQGWINDLAETLMSELASREGTFDLAADFVEPLSSALVSRTLLGELSADE
RDLLAHCADTGLRFCGVTHEEQVHAFTQMHEFFLEHARRLAGTPGEHLLKLIAEAPVDQGPLSDEALAEAGSLLVVAGFP
TSSGFLCGALLTLLRHPDAVQELHAHPERVPSAVEELLRYTPLSTGSVKRMATEDLEIDGVRIKAGEVVMVSLEAVNHDP
DAFEDPDVFRPGREGPMHFGFGRGRHFCPGNRLARCVIEATVRAVARRPGLRLAVAPEEISWHEGLGFRRPRAIPATW
;
_entity_poly.pdbx_strand_id   A
#
loop_
_chem_comp.id
_chem_comp.type
_chem_comp.name
_chem_comp.formula
CA non-polymer 'CALCIUM ION' 'Ca 2'
HEM non-polymer 'PROTOPORPHYRIN IX CONTAINING FE' 'C34 H32 Fe N4 O4'
#
# COMPACT_ATOMS: atom_id res chain seq x y z
N LEU A 4 -18.38 13.10 12.67
CA LEU A 4 -17.79 11.74 12.69
C LEU A 4 -16.29 11.81 12.97
N THR A 5 -15.78 10.95 13.85
CA THR A 5 -14.34 10.87 14.07
C THR A 5 -13.74 9.86 13.11
N TYR A 6 -12.48 10.12 12.72
CA TYR A 6 -11.82 9.39 11.66
C TYR A 6 -10.46 8.91 12.14
N PRO A 7 -10.05 7.67 11.82
CA PRO A 7 -10.68 6.71 10.89
C PRO A 7 -11.81 5.91 11.54
N PHE A 8 -12.34 4.89 10.84
CA PHE A 8 -13.56 4.25 11.27
C PHE A 8 -13.32 2.90 11.94
N HIS A 9 -12.07 2.54 12.22
CA HIS A 9 -11.71 1.36 13.00
C HIS A 9 -12.15 0.06 12.31
N ASP A 10 -12.27 0.07 10.97
CA ASP A 10 -12.59 -1.14 10.22
C ASP A 10 -11.28 -1.85 9.88
N TRP A 11 -10.79 -2.64 10.83
CA TRP A 11 -9.46 -3.22 10.70
C TRP A 11 -9.42 -4.51 9.89
N SER A 12 -10.56 -5.12 9.61
CA SER A 12 -10.66 -6.36 8.85
C SER A 12 -11.00 -6.00 7.42
N GLN A 13 -11.34 -7.02 6.60
CA GLN A 13 -11.74 -6.75 5.23
C GLN A 13 -13.15 -6.19 5.13
N GLU A 14 -13.93 -6.22 6.20
CA GLU A 14 -15.23 -5.54 6.19
C GLU A 14 -15.01 -4.03 6.20
N LEU A 15 -15.48 -3.35 5.15
CA LEU A 15 -15.40 -1.90 5.11
C LEU A 15 -16.41 -1.30 6.09
N SER A 16 -16.02 -0.21 6.76
CA SER A 16 -16.93 0.42 7.72
C SER A 16 -18.21 0.87 7.01
N PRO A 17 -19.40 0.62 7.58
CA PRO A 17 -20.62 1.15 6.97
C PRO A 17 -20.67 2.67 6.91
N ARG A 18 -19.84 3.39 7.69
CA ARG A 18 -19.80 4.85 7.55
C ARG A 18 -19.49 5.28 6.12
N TYR A 19 -18.69 4.50 5.39
CA TYR A 19 -18.30 4.91 4.04
C TYR A 19 -19.53 4.96 3.12
N ALA A 20 -20.34 3.91 3.12
CA ALA A 20 -21.58 3.96 2.36
C ALA A 20 -22.50 5.07 2.87
N GLN A 21 -22.54 5.27 4.19
CA GLN A 21 -23.40 6.30 4.76
C GLN A 21 -23.03 7.69 4.21
N LEU A 22 -21.75 8.04 4.24
CA LEU A 22 -21.34 9.32 3.69
C LEU A 22 -21.46 9.36 2.18
N ARG A 23 -21.21 8.24 1.50
CA ARG A 23 -21.33 8.21 0.04
C ARG A 23 -22.75 8.55 -0.41
N ALA A 24 -23.75 8.04 0.31
CA ALA A 24 -25.14 8.24 -0.11
C ALA A 24 -25.69 9.61 0.27
N SER A 25 -24.97 10.37 1.10
CA SER A 25 -25.40 11.71 1.46
C SER A 25 -25.32 12.65 0.25
N ASP A 26 -25.93 13.82 0.42
CA ASP A 26 -25.95 14.82 -0.66
C ASP A 26 -24.56 15.41 -0.92
N ALA A 27 -23.75 15.59 0.13
CA ALA A 27 -22.51 16.33 0.01
C ALA A 27 -21.44 15.51 -0.73
N PRO A 28 -20.66 16.15 -1.61
CA PRO A 28 -19.53 15.46 -2.24
C PRO A 28 -18.29 15.42 -1.36
N VAL A 29 -18.24 16.23 -0.32
CA VAL A 29 -17.17 16.16 0.66
C VAL A 29 -17.81 16.31 2.04
N CYS A 30 -17.41 15.46 2.98
CA CYS A 30 -18.06 15.53 4.29
C CYS A 30 -17.05 15.81 5.39
N PRO A 31 -17.39 16.66 6.35
CA PRO A 31 -16.46 16.95 7.43
C PRO A 31 -16.37 15.80 8.41
N VAL A 32 -15.14 15.48 8.82
CA VAL A 32 -14.86 14.55 9.90
C VAL A 32 -13.82 15.19 10.80
N VAL A 33 -13.48 14.50 11.88
CA VAL A 33 -12.48 14.99 12.82
C VAL A 33 -11.49 13.86 13.07
N SER A 34 -10.20 14.19 12.99
CA SER A 34 -9.17 13.18 13.25
C SER A 34 -9.26 12.70 14.69
N GLU A 35 -9.41 11.39 14.86
CA GLU A 35 -9.40 10.85 16.21
C GLU A 35 -8.07 11.14 16.90
N GLY A 36 -6.98 11.08 16.14
CA GLY A 36 -5.66 11.16 16.74
C GLY A 36 -5.20 12.55 17.12
N THR A 37 -5.59 13.57 16.33
CA THR A 37 -5.17 14.94 16.62
C THR A 37 -6.31 15.90 16.89
N GLY A 38 -7.57 15.51 16.68
CA GLY A 38 -8.66 16.44 16.78
C GLY A 38 -8.76 17.44 15.63
N ASP A 39 -7.91 17.31 14.60
CA ASP A 39 -7.94 18.20 13.44
C ASP A 39 -9.21 17.99 12.62
N PRO A 40 -9.85 19.07 12.19
CA PRO A 40 -10.95 18.92 11.22
C PRO A 40 -10.42 18.56 9.84
N LEU A 41 -11.15 17.69 9.15
CA LEU A 41 -10.73 17.24 7.83
C LEU A 41 -11.96 17.11 6.95
N TRP A 42 -11.75 17.13 5.64
CA TRP A 42 -12.78 16.78 4.66
C TRP A 42 -12.54 15.36 4.15
N LEU A 43 -13.61 14.62 3.91
CA LEU A 43 -13.50 13.24 3.43
C LEU A 43 -14.33 13.03 2.17
N VAL A 44 -13.71 12.49 1.13
CA VAL A 44 -14.35 12.17 -0.14
C VAL A 44 -14.55 10.66 -0.21
N THR A 45 -15.77 10.23 -0.54
CA THR A 45 -16.07 8.82 -0.68
C THR A 45 -16.61 8.43 -2.05
N ARG A 46 -16.91 9.40 -2.93
CA ARG A 46 -17.52 9.11 -4.23
C ARG A 46 -16.49 9.17 -5.35
N TYR A 47 -16.57 8.18 -6.26
CA TYR A 47 -15.61 8.07 -7.35
C TYR A 47 -15.51 9.37 -8.14
N ALA A 48 -16.67 9.93 -8.55
CA ALA A 48 -16.66 11.12 -9.41
C ALA A 48 -15.93 12.29 -8.77
N THR A 49 -16.13 12.49 -7.47
CA THR A 49 -15.48 13.59 -6.76
C THR A 49 -13.99 13.32 -6.56
N ALA A 50 -13.63 12.07 -6.22
CA ALA A 50 -12.22 11.72 -6.02
C ALA A 50 -11.40 11.95 -7.29
N VAL A 51 -11.96 11.62 -8.45
CA VAL A 51 -11.26 11.93 -9.71
C VAL A 51 -10.96 13.41 -9.78
N LYS A 52 -11.98 14.24 -9.59
CA LYS A 52 -11.80 15.69 -9.70
C LYS A 52 -10.76 16.18 -8.72
N LEU A 53 -10.81 15.68 -7.47
CA LEU A 53 -9.86 16.13 -6.46
C LEU A 53 -8.45 15.69 -6.81
N LEU A 54 -8.25 14.42 -7.11
CA LEU A 54 -6.89 13.91 -7.26
C LEU A 54 -6.25 14.33 -8.58
N GLU A 55 -7.01 14.79 -9.57
CA GLU A 55 -6.45 15.25 -10.83
C GLU A 55 -6.24 16.76 -10.87
N ASP A 56 -6.64 17.47 -9.83
CA ASP A 56 -6.44 18.90 -9.70
C ASP A 56 -5.21 19.12 -8.83
N SER A 57 -4.11 19.56 -9.43
CA SER A 57 -2.85 19.74 -8.71
C SER A 57 -2.87 20.91 -7.72
N ARG A 58 -3.94 21.72 -7.66
CA ARG A 58 -4.01 22.76 -6.64
C ARG A 58 -4.32 22.19 -5.27
N PHE A 59 -4.74 20.93 -5.21
CA PHE A 59 -4.77 20.15 -3.98
C PHE A 59 -3.46 19.39 -3.91
N SER A 60 -2.57 19.83 -3.02
CA SER A 60 -1.18 19.38 -2.99
C SER A 60 -0.94 18.26 -1.99
N SER A 61 -0.22 17.22 -2.43
CA SER A 61 0.20 16.17 -1.51
C SER A 61 1.33 16.67 -0.59
N GLU A 62 2.29 17.40 -1.15
CA GLU A 62 3.39 17.95 -0.36
C GLU A 62 2.90 18.87 0.76
N ALA A 63 1.90 19.71 0.47
CA ALA A 63 1.45 20.67 1.49
C ALA A 63 0.76 19.96 2.65
N ALA A 64 0.11 18.84 2.39
CA ALA A 64 -0.55 18.07 3.44
C ALA A 64 0.43 17.42 4.40
N GLN A 65 1.74 17.65 4.22
CA GLN A 65 2.75 17.15 5.14
C GLN A 65 3.58 18.26 5.78
N ALA A 66 3.36 19.52 5.41
CA ALA A 66 4.14 20.60 6.00
C ALA A 66 3.80 20.80 7.47
N SER A 67 4.76 21.38 8.18
CA SER A 67 4.62 21.60 9.62
C SER A 67 3.39 22.46 9.89
N GLY A 68 2.52 21.98 10.77
CA GLY A 68 1.28 22.68 11.05
C GLY A 68 0.08 22.17 10.28
N ALA A 69 0.25 21.11 9.47
CA ALA A 69 -0.81 20.60 8.60
C ALA A 69 -1.83 19.80 9.40
N PRO A 70 -3.13 20.03 9.19
CA PRO A 70 -4.13 19.13 9.77
C PRO A 70 -3.93 17.72 9.23
N ARG A 71 -4.09 16.71 10.08
CA ARG A 71 -3.78 15.37 9.59
C ARG A 71 -4.66 14.33 10.27
N GLN A 72 -4.86 13.21 9.56
CA GLN A 72 -5.60 12.08 10.08
C GLN A 72 -4.75 11.20 10.98
N GLU A 73 -3.39 11.27 10.85
CA GLU A 73 -2.53 10.35 11.58
C GLU A 73 -2.22 10.91 12.97
N PRO A 74 -2.01 10.04 13.96
CA PRO A 74 -1.67 10.54 15.30
C PRO A 74 -0.33 11.24 15.36
N VAL A 75 0.66 10.81 14.57
CA VAL A 75 1.95 11.47 14.51
C VAL A 75 2.28 11.81 13.06
N GLU A 76 3.19 12.77 12.89
CA GLU A 76 3.74 13.05 11.58
C GLU A 76 4.51 11.83 11.07
N LEU A 77 4.34 11.52 9.78
CA LEU A 77 4.95 10.31 9.24
C LEU A 77 6.37 10.61 8.78
N ARG A 78 7.21 11.00 9.73
CA ARG A 78 8.60 11.31 9.43
C ARG A 78 9.39 11.25 10.73
N ALA A 79 10.69 11.11 10.60
CA ALA A 79 11.49 11.26 11.80
C ALA A 79 11.67 12.76 12.10
N PRO A 80 11.52 13.17 13.36
CA PRO A 80 11.60 14.61 13.65
C PRO A 80 12.89 15.20 13.08
N GLY A 81 12.81 16.43 12.61
CA GLY A 81 13.94 17.11 12.03
C GLY A 81 14.25 16.75 10.59
N THR A 82 13.58 15.76 10.00
CA THR A 82 13.83 15.39 8.61
C THR A 82 12.79 15.99 7.68
N ARG A 83 13.16 16.02 6.40
CA ARG A 83 12.30 16.60 5.37
C ARG A 83 10.99 15.81 5.25
N GLY A 84 11.09 14.50 5.13
CA GLY A 84 9.92 13.65 5.16
C GLY A 84 9.04 13.65 3.92
N ASP A 85 9.53 14.15 2.78
CA ASP A 85 8.81 14.01 1.51
C ASP A 85 9.90 13.66 0.49
N ALA A 86 10.42 12.44 0.63
CA ALA A 86 11.58 12.02 -0.13
C ALA A 86 11.30 11.95 -1.62
N ILE A 87 10.07 11.60 -2.01
CA ILE A 87 9.78 11.38 -3.42
C ILE A 87 9.89 12.68 -4.19
N ALA A 88 9.50 13.81 -3.57
CA ALA A 88 9.70 15.11 -4.20
C ALA A 88 11.16 15.52 -4.15
N MET A 89 11.83 15.25 -3.02
CA MET A 89 13.26 15.50 -2.90
C MET A 89 14.07 14.76 -3.96
N LEU A 90 13.68 13.52 -4.28
CA LEU A 90 14.40 12.77 -5.31
C LEU A 90 14.04 13.27 -6.70
N ARG A 91 12.76 13.57 -6.93
CA ARG A 91 12.39 14.23 -8.17
C ARG A 91 13.05 15.61 -8.26
N GLU A 92 13.10 16.35 -7.13
CA GLU A 92 13.80 17.63 -7.09
C GLU A 92 15.25 17.48 -7.54
N ALA A 93 15.97 16.49 -6.99
CA ALA A 93 17.37 16.26 -7.33
C ALA A 93 17.56 15.75 -8.76
N GLY A 94 16.50 15.58 -9.54
CA GLY A 94 16.62 15.20 -10.92
C GLY A 94 16.76 13.71 -11.19
N LEU A 95 16.05 12.87 -10.45
CA LEU A 95 16.20 11.43 -10.58
C LEU A 95 14.97 10.74 -11.16
N ARG A 96 14.07 11.49 -11.82
CA ARG A 96 12.92 10.84 -12.44
C ARG A 96 13.35 9.73 -13.39
N SER A 97 14.38 9.98 -14.20
CA SER A 97 14.87 8.93 -15.09
C SER A 97 15.36 7.71 -14.31
N VAL A 98 16.05 7.95 -13.20
CA VAL A 98 16.52 6.83 -12.37
C VAL A 98 15.34 6.07 -11.78
N LEU A 99 14.35 6.78 -11.24
CA LEU A 99 13.17 6.13 -10.69
C LEU A 99 12.48 5.27 -11.74
N ALA A 100 12.38 5.77 -12.97
CA ALA A 100 11.75 4.99 -14.02
C ALA A 100 12.57 3.75 -14.35
N ASP A 101 13.89 3.86 -14.38
CA ASP A 101 14.70 2.67 -14.60
C ASP A 101 14.53 1.68 -13.44
N GLY A 102 14.45 2.20 -12.21
CA GLY A 102 14.40 1.34 -11.05
C GLY A 102 13.05 0.76 -10.73
N LEU A 103 11.97 1.41 -11.17
CA LEU A 103 10.63 0.95 -10.86
C LEU A 103 9.80 0.57 -12.07
N GLY A 104 10.20 0.94 -13.27
CA GLY A 104 9.33 0.82 -14.41
C GLY A 104 9.48 -0.51 -15.11
N PRO A 105 8.96 -0.59 -16.35
CA PRO A 105 8.99 -1.86 -17.08
C PRO A 105 10.38 -2.46 -17.21
N ARG A 106 11.44 -1.65 -17.24
CA ARG A 106 12.77 -2.26 -17.29
C ARG A 106 13.07 -3.02 -16.03
N ALA A 107 12.63 -2.51 -14.87
CA ALA A 107 12.83 -3.26 -13.62
C ALA A 107 11.98 -4.51 -13.58
N VAL A 108 10.73 -4.45 -14.05
CA VAL A 108 9.90 -5.64 -14.04
C VAL A 108 10.57 -6.73 -14.84
N ARG A 109 11.20 -6.35 -15.95
CA ARG A 109 11.92 -7.31 -16.77
C ARG A 109 13.09 -7.94 -16.03
N ARG A 110 13.87 -7.13 -15.30
CA ARG A 110 15.01 -7.65 -14.57
C ARG A 110 14.60 -8.62 -13.47
N HIS A 111 13.43 -8.41 -12.84
CA HIS A 111 13.06 -9.12 -11.62
C HIS A 111 11.92 -10.12 -11.75
N GLN A 112 11.13 -10.09 -12.82
CA GLN A 112 9.92 -10.93 -12.86
C GLN A 112 10.28 -12.41 -12.81
N GLY A 113 11.40 -12.79 -13.43
CA GLY A 113 11.84 -14.17 -13.44
C GLY A 113 12.00 -14.73 -12.04
N TRP A 114 12.88 -14.13 -11.23
CA TRP A 114 13.08 -14.70 -9.90
C TRP A 114 11.83 -14.52 -9.03
N ILE A 115 11.07 -13.44 -9.22
CA ILE A 115 9.84 -13.26 -8.44
C ILE A 115 8.89 -14.43 -8.66
N ASN A 116 8.73 -14.85 -9.91
CA ASN A 116 7.84 -15.97 -10.19
C ASN A 116 8.45 -17.30 -9.75
N ASP A 117 9.76 -17.48 -9.92
CA ASP A 117 10.42 -18.65 -9.34
C ASP A 117 10.18 -18.72 -7.84
N LEU A 118 10.34 -17.59 -7.14
CA LEU A 118 10.21 -17.62 -5.69
C LEU A 118 8.78 -17.94 -5.27
N ALA A 119 7.79 -17.26 -5.89
CA ALA A 119 6.40 -17.58 -5.59
C ALA A 119 6.12 -19.07 -5.79
N GLU A 120 6.60 -19.64 -6.90
CA GLU A 120 6.38 -21.06 -7.13
C GLU A 120 7.10 -21.89 -6.08
N THR A 121 8.36 -21.58 -5.79
CA THR A 121 9.11 -22.34 -4.81
C THR A 121 8.39 -22.35 -3.46
N LEU A 122 7.95 -21.17 -3.00
CA LEU A 122 7.28 -21.09 -1.70
C LEU A 122 6.02 -21.93 -1.68
N MET A 123 5.17 -21.79 -2.70
CA MET A 123 3.93 -22.56 -2.78
C MET A 123 4.24 -24.05 -2.88
N SER A 124 5.32 -24.40 -3.60
CA SER A 124 5.67 -25.80 -3.75
C SER A 124 6.08 -26.43 -2.42
N GLU A 125 6.89 -25.72 -1.62
CA GLU A 125 7.27 -26.25 -0.31
C GLU A 125 6.03 -26.43 0.58
N LEU A 126 5.09 -25.50 0.52
CA LEU A 126 3.85 -25.62 1.29
C LEU A 126 3.01 -26.81 0.82
N ALA A 127 2.96 -27.05 -0.48
CA ALA A 127 2.19 -28.19 -0.99
C ALA A 127 2.86 -29.52 -0.65
N SER A 128 4.15 -29.54 -0.43
CA SER A 128 4.81 -30.79 -0.04
C SER A 128 4.59 -31.16 1.42
N ARG A 129 3.83 -30.35 2.16
CA ARG A 129 3.56 -30.60 3.58
C ARG A 129 2.29 -31.42 3.76
N GLU A 130 2.21 -32.13 4.88
CA GLU A 130 0.94 -32.65 5.35
C GLU A 130 0.30 -31.64 6.29
N GLY A 131 -0.98 -31.37 6.08
CA GLY A 131 -1.72 -30.51 6.99
C GLY A 131 -1.65 -29.03 6.67
N THR A 132 -1.78 -28.20 7.69
CA THR A 132 -2.00 -26.77 7.49
C THR A 132 -0.69 -25.99 7.57
N PHE A 133 -0.79 -24.74 7.16
CA PHE A 133 0.33 -23.81 7.18
C PHE A 133 -0.24 -22.39 7.21
N ASP A 134 0.65 -21.40 7.22
CA ASP A 134 0.26 -20.01 7.40
C ASP A 134 0.75 -19.23 6.19
N LEU A 135 -0.19 -18.90 5.29
CA LEU A 135 0.19 -18.16 4.08
C LEU A 135 0.76 -16.77 4.39
N ALA A 136 0.43 -16.20 5.54
CA ALA A 136 1.01 -14.91 5.88
C ALA A 136 2.49 -15.07 6.19
N ALA A 137 2.81 -15.94 7.15
CA ALA A 137 4.21 -16.13 7.55
C ALA A 137 5.01 -16.92 6.51
N ASP A 138 4.38 -17.91 5.86
CA ASP A 138 5.13 -18.86 5.03
C ASP A 138 5.13 -18.48 3.55
N PHE A 139 4.32 -17.53 3.12
CA PHE A 139 4.33 -17.15 1.72
C PHE A 139 4.50 -15.64 1.57
N VAL A 140 3.61 -14.85 2.20
CA VAL A 140 3.61 -13.41 1.98
C VAL A 140 4.89 -12.78 2.52
N GLU A 141 5.27 -13.13 3.74
CA GLU A 141 6.44 -12.49 4.34
C GLU A 141 7.71 -12.77 3.55
N PRO A 142 8.04 -14.00 3.17
CA PRO A 142 9.27 -14.17 2.37
C PRO A 142 9.19 -13.51 1.01
N LEU A 143 8.02 -13.54 0.35
CA LEU A 143 7.93 -12.95 -0.98
C LEU A 143 8.05 -11.43 -0.93
N SER A 144 7.32 -10.79 -0.02
CA SER A 144 7.40 -9.33 0.05
C SER A 144 8.75 -8.85 0.58
N SER A 145 9.33 -9.56 1.56
CA SER A 145 10.69 -9.23 2.01
C SER A 145 11.69 -9.31 0.88
N ALA A 146 11.60 -10.37 0.05
CA ALA A 146 12.53 -10.48 -1.07
C ALA A 146 12.32 -9.37 -2.09
N LEU A 147 11.06 -9.00 -2.36
CA LEU A 147 10.77 -7.86 -3.23
C LEU A 147 11.41 -6.58 -2.70
N VAL A 148 11.25 -6.30 -1.40
CA VAL A 148 11.78 -5.06 -0.82
C VAL A 148 13.30 -5.07 -0.85
N SER A 149 13.91 -6.22 -0.55
CA SER A 149 15.38 -6.31 -0.53
C SER A 149 15.98 -6.28 -1.92
N ARG A 150 15.46 -7.13 -2.82
CA ARG A 150 16.11 -7.25 -4.11
C ARG A 150 15.80 -6.08 -5.04
N THR A 151 14.59 -5.51 -4.98
CA THR A 151 14.29 -4.42 -5.90
C THR A 151 14.44 -3.03 -5.30
N LEU A 152 14.39 -2.88 -3.98
CA LEU A 152 14.34 -1.55 -3.37
C LEU A 152 15.57 -1.21 -2.54
N LEU A 153 15.87 -1.96 -1.49
CA LEU A 153 16.84 -1.51 -0.51
C LEU A 153 18.22 -2.14 -0.63
N GLY A 154 18.32 -3.36 -1.16
CA GLY A 154 19.55 -4.13 -1.10
C GLY A 154 19.40 -5.28 -0.12
N GLU A 155 20.49 -6.04 0.02
CA GLU A 155 20.43 -7.24 0.84
C GLU A 155 20.32 -6.88 2.32
N LEU A 156 19.27 -7.37 2.97
CA LEU A 156 19.04 -7.15 4.39
C LEU A 156 19.23 -8.45 5.15
N SER A 157 19.81 -8.36 6.35
CA SER A 157 19.76 -9.48 7.27
C SER A 157 18.33 -9.65 7.78
N ALA A 158 18.04 -10.87 8.26
CA ALA A 158 16.70 -11.13 8.78
C ALA A 158 16.35 -10.16 9.90
N ASP A 159 17.34 -9.81 10.74
CA ASP A 159 17.09 -8.86 11.83
C ASP A 159 16.83 -7.47 11.28
N GLU A 160 17.48 -7.07 10.18
CA GLU A 160 17.23 -5.75 9.60
C GLU A 160 15.85 -5.71 8.94
N ARG A 161 15.45 -6.81 8.29
CA ARG A 161 14.10 -6.88 7.74
C ARG A 161 13.07 -6.73 8.85
N ASP A 162 13.27 -7.44 9.96
CA ASP A 162 12.32 -7.40 11.06
C ASP A 162 12.19 -5.99 11.64
N LEU A 163 13.33 -5.31 11.84
CA LEU A 163 13.31 -3.94 12.37
C LEU A 163 12.54 -2.98 11.47
N LEU A 164 12.84 -3.01 10.16
CA LEU A 164 12.20 -2.09 9.24
C LEU A 164 10.71 -2.37 9.11
N ALA A 165 10.34 -3.64 8.96
CA ALA A 165 8.93 -4.01 8.88
C ALA A 165 8.19 -3.59 10.15
N HIS A 166 8.79 -3.80 11.32
CA HIS A 166 8.15 -3.40 12.58
C HIS A 166 8.07 -1.88 12.71
N CYS A 167 9.14 -1.16 12.34
CA CYS A 167 9.10 0.29 12.40
C CYS A 167 8.00 0.84 11.50
N ALA A 168 7.87 0.29 10.29
CA ALA A 168 6.81 0.72 9.39
C ALA A 168 5.43 0.47 9.99
N ASP A 169 5.19 -0.74 10.50
CA ASP A 169 3.89 -1.05 11.09
C ASP A 169 3.55 -0.07 12.20
N THR A 170 4.48 0.11 13.14
CA THR A 170 4.29 0.99 14.29
C THR A 170 4.16 2.45 13.88
N GLY A 171 5.02 2.90 12.97
CA GLY A 171 4.95 4.28 12.52
C GLY A 171 3.62 4.62 11.87
N LEU A 172 3.04 3.69 11.11
CA LEU A 172 1.87 3.97 10.30
C LEU A 172 0.55 3.67 11.01
N ARG A 173 0.61 3.31 12.29
CA ARG A 173 -0.60 2.96 13.05
C ARG A 173 -1.53 4.16 13.23
N PHE A 174 -2.81 3.86 13.32
CA PHE A 174 -3.79 4.81 13.82
C PHE A 174 -4.00 4.69 15.33
N CYS A 175 -3.75 3.51 15.92
CA CYS A 175 -3.84 3.36 17.37
C CYS A 175 -3.24 2.01 17.78
N GLY A 176 -3.20 1.79 19.10
CA GLY A 176 -2.61 0.59 19.66
C GLY A 176 -1.20 0.79 20.19
N VAL A 177 -0.63 1.97 20.00
CA VAL A 177 0.67 2.33 20.57
C VAL A 177 0.64 3.79 20.99
N THR A 178 1.59 4.17 21.85
CA THR A 178 1.68 5.56 22.28
C THR A 178 2.25 6.42 21.16
N HIS A 179 1.94 7.71 21.21
CA HIS A 179 2.46 8.65 20.20
C HIS A 179 3.98 8.63 20.19
N GLU A 180 4.61 8.55 21.37
CA GLU A 180 6.07 8.58 21.44
C GLU A 180 6.68 7.37 20.74
N GLU A 181 6.11 6.18 20.96
CA GLU A 181 6.66 4.99 20.33
C GLU A 181 6.51 5.06 18.81
N GLN A 182 5.44 5.69 18.33
CA GLN A 182 5.25 5.90 16.90
C GLN A 182 6.33 6.79 16.32
N VAL A 183 6.54 7.97 16.92
CA VAL A 183 7.63 8.85 16.49
C VAL A 183 8.96 8.13 16.57
N HIS A 184 9.18 7.35 17.63
CA HIS A 184 10.45 6.68 17.79
C HIS A 184 10.63 5.58 16.74
N ALA A 185 9.55 5.02 16.20
CA ALA A 185 9.71 4.09 15.08
C ALA A 185 10.36 4.77 13.88
N PHE A 186 9.91 5.98 13.54
CA PHE A 186 10.52 6.72 12.44
C PHE A 186 11.96 7.09 12.75
N THR A 187 12.23 7.48 14.00
CA THR A 187 13.58 7.84 14.40
C THR A 187 14.52 6.66 14.25
N GLN A 188 14.13 5.49 14.78
CA GLN A 188 14.89 4.25 14.59
C GLN A 188 15.22 4.00 13.13
N MET A 189 14.21 4.04 12.26
CA MET A 189 14.43 3.75 10.85
C MET A 189 15.42 4.73 10.24
N HIS A 190 15.23 6.02 10.51
CA HIS A 190 16.13 7.05 10.01
C HIS A 190 17.54 6.82 10.50
N GLU A 191 17.71 6.61 11.81
CA GLU A 191 19.04 6.34 12.35
C GLU A 191 19.64 5.07 11.77
N PHE A 192 18.81 4.07 11.47
CA PHE A 192 19.32 2.88 10.79
C PHE A 192 19.90 3.25 9.42
N PHE A 193 19.13 3.99 8.61
CA PHE A 193 19.60 4.31 7.27
C PHE A 193 20.73 5.35 7.27
N LEU A 194 20.79 6.20 8.28
CA LEU A 194 21.97 7.05 8.43
C LEU A 194 23.24 6.21 8.52
N GLU A 195 23.19 5.12 9.27
CA GLU A 195 24.39 4.30 9.41
C GLU A 195 24.60 3.39 8.21
N HIS A 196 23.52 2.89 7.61
CA HIS A 196 23.64 1.76 6.71
C HIS A 196 23.18 1.99 5.27
N ALA A 197 22.52 3.10 4.95
CA ALA A 197 22.04 3.31 3.57
C ALA A 197 23.17 3.20 2.55
N ARG A 198 24.30 3.86 2.80
CA ARG A 198 25.40 3.80 1.84
C ARG A 198 25.91 2.37 1.67
N ARG A 199 26.01 1.61 2.76
CA ARG A 199 26.39 0.21 2.67
C ARG A 199 25.36 -0.57 1.84
N LEU A 200 24.08 -0.37 2.13
CA LEU A 200 23.05 -1.07 1.38
C LEU A 200 23.12 -0.73 -0.10
N ALA A 201 23.43 0.52 -0.43
CA ALA A 201 23.53 0.92 -1.82
C ALA A 201 24.69 0.24 -2.53
N GLY A 202 25.67 -0.27 -1.78
CA GLY A 202 26.81 -0.98 -2.35
C GLY A 202 26.67 -2.48 -2.48
N THR A 203 25.69 -3.10 -1.80
CA THR A 203 25.51 -4.54 -1.91
C THR A 203 25.18 -4.92 -3.36
N PRO A 204 25.37 -6.18 -3.73
CA PRO A 204 25.10 -6.59 -5.12
C PRO A 204 23.63 -6.49 -5.52
N GLY A 205 23.42 -6.40 -6.82
CA GLY A 205 22.11 -6.30 -7.41
C GLY A 205 21.91 -4.96 -8.09
N GLU A 206 20.67 -4.72 -8.50
CA GLU A 206 20.32 -3.47 -9.16
C GLU A 206 19.13 -2.83 -8.48
N HIS A 207 19.05 -2.98 -7.16
CA HIS A 207 17.97 -2.40 -6.39
C HIS A 207 17.96 -0.88 -6.51
N LEU A 208 16.80 -0.28 -6.25
CA LEU A 208 16.58 1.14 -6.51
C LEU A 208 17.52 2.02 -5.70
N LEU A 209 17.78 1.67 -4.43
CA LEU A 209 18.65 2.50 -3.61
C LEU A 209 20.07 2.58 -4.17
N LYS A 210 20.55 1.50 -4.81
CA LYS A 210 21.84 1.57 -5.50
C LYS A 210 21.79 2.51 -6.70
N LEU A 211 20.73 2.39 -7.52
CA LEU A 211 20.60 3.27 -8.69
C LEU A 211 20.56 4.74 -8.27
N ILE A 212 19.87 5.02 -7.18
CA ILE A 212 19.82 6.39 -6.65
C ILE A 212 21.22 6.83 -6.24
N ALA A 213 21.93 6.00 -5.48
CA ALA A 213 23.25 6.39 -5.00
C ALA A 213 24.26 6.51 -6.15
N GLU A 214 24.07 5.76 -7.23
CA GLU A 214 25.03 5.77 -8.34
C GLU A 214 24.70 6.78 -9.42
N ALA A 215 23.77 7.68 -9.18
CA ALA A 215 23.33 8.58 -10.24
C ALA A 215 23.88 10.00 -10.02
N PRO A 216 24.19 10.71 -11.10
CA PRO A 216 24.69 12.09 -10.95
C PRO A 216 23.58 13.05 -10.54
N VAL A 217 23.94 14.01 -9.68
CA VAL A 217 23.01 15.03 -9.19
C VAL A 217 23.64 16.42 -9.30
N PRO A 221 27.07 14.69 -5.07
CA PRO A 221 26.37 13.41 -4.93
C PRO A 221 25.37 13.44 -3.77
N LEU A 222 24.42 12.51 -3.76
CA LEU A 222 23.40 12.52 -2.72
C LEU A 222 24.02 12.25 -1.36
N SER A 223 23.68 13.09 -0.38
CA SER A 223 24.29 13.01 0.94
C SER A 223 23.87 11.72 1.64
N ASP A 224 24.43 11.50 2.83
CA ASP A 224 23.96 10.41 3.66
C ASP A 224 22.52 10.62 4.08
N GLU A 225 22.15 11.86 4.42
CA GLU A 225 20.79 12.10 4.89
C GLU A 225 19.78 11.95 3.76
N ALA A 226 20.15 12.29 2.53
CA ALA A 226 19.22 12.13 1.41
C ALA A 226 19.01 10.67 1.08
N LEU A 227 20.10 9.89 1.12
CA LEU A 227 19.99 8.46 0.91
C LEU A 227 19.17 7.80 2.02
N ALA A 228 19.27 8.33 3.24
CA ALA A 228 18.52 7.78 4.36
C ALA A 228 17.04 8.10 4.24
N GLU A 229 16.70 9.29 3.74
CA GLU A 229 15.29 9.60 3.51
C GLU A 229 14.73 8.77 2.37
N ALA A 230 15.55 8.41 1.39
CA ALA A 230 15.12 7.48 0.36
C ALA A 230 14.83 6.09 0.93
N GLY A 231 15.67 5.64 1.88
CA GLY A 231 15.45 4.32 2.45
C GLY A 231 14.14 4.24 3.22
N SER A 232 13.89 5.22 4.09
CA SER A 232 12.66 5.24 4.87
C SER A 232 11.44 5.31 3.97
N LEU A 233 11.48 6.15 2.93
CA LEU A 233 10.35 6.23 2.00
C LEU A 233 10.05 4.86 1.40
N LEU A 234 11.10 4.15 0.96
CA LEU A 234 10.88 2.85 0.34
C LEU A 234 10.33 1.84 1.33
N VAL A 235 10.75 1.93 2.61
CA VAL A 235 10.19 1.01 3.62
C VAL A 235 8.70 1.26 3.79
N VAL A 236 8.31 2.52 4.00
CA VAL A 236 6.94 2.77 4.38
C VAL A 236 6.01 2.63 3.17
N ALA A 237 6.53 2.88 1.96
CA ALA A 237 5.71 2.79 0.75
C ALA A 237 5.67 1.37 0.21
N GLY A 238 6.68 0.55 0.48
CA GLY A 238 6.75 -0.77 -0.12
C GLY A 238 6.48 -1.95 0.77
N PHE A 239 6.75 -1.82 2.07
CA PHE A 239 6.69 -3.00 2.93
C PHE A 239 5.29 -3.28 3.45
N PRO A 240 4.66 -2.38 4.22
CA PRO A 240 3.34 -2.73 4.76
C PRO A 240 2.26 -2.77 3.70
N THR A 241 2.46 -2.05 2.59
CA THR A 241 1.53 -2.11 1.46
C THR A 241 1.58 -3.47 0.79
N SER A 242 2.79 -3.91 0.39
CA SER A 242 2.92 -5.19 -0.29
C SER A 242 2.46 -6.33 0.60
N SER A 243 2.88 -6.33 1.88
CA SER A 243 2.51 -7.45 2.73
C SER A 243 1.02 -7.41 3.06
N GLY A 244 0.50 -6.24 3.38
CA GLY A 244 -0.94 -6.10 3.57
C GLY A 244 -1.72 -6.56 2.34
N PHE A 245 -1.35 -6.06 1.16
CA PHE A 245 -2.18 -6.36 -0.01
C PHE A 245 -2.09 -7.83 -0.40
N LEU A 246 -0.89 -8.40 -0.41
CA LEU A 246 -0.78 -9.80 -0.80
C LEU A 246 -1.53 -10.69 0.19
N CYS A 247 -1.52 -10.34 1.48
CA CYS A 247 -2.35 -11.04 2.44
C CYS A 247 -3.83 -10.94 2.08
N GLY A 248 -4.30 -9.71 1.79
CA GLY A 248 -5.71 -9.56 1.49
C GLY A 248 -6.12 -10.23 0.19
N ALA A 249 -5.26 -10.19 -0.81
CA ALA A 249 -5.60 -10.81 -2.08
C ALA A 249 -5.68 -12.33 -1.94
N LEU A 250 -4.80 -12.93 -1.13
CA LEU A 250 -4.92 -14.38 -0.91
C LEU A 250 -6.25 -14.71 -0.25
N LEU A 251 -6.64 -13.92 0.76
CA LEU A 251 -7.94 -14.12 1.38
C LEU A 251 -9.06 -14.02 0.35
N THR A 252 -9.07 -12.95 -0.46
CA THR A 252 -10.07 -12.85 -1.52
C THR A 252 -10.08 -14.08 -2.43
N LEU A 253 -8.90 -14.53 -2.86
CA LEU A 253 -8.85 -15.67 -3.76
C LEU A 253 -9.36 -16.94 -3.08
N LEU A 254 -8.96 -17.19 -1.83
CA LEU A 254 -9.36 -18.40 -1.13
C LEU A 254 -10.86 -18.44 -0.86
N ARG A 255 -11.51 -17.28 -0.86
CA ARG A 255 -12.95 -17.20 -0.69
C ARG A 255 -13.71 -17.22 -2.00
N HIS A 256 -13.03 -17.33 -3.13
CA HIS A 256 -13.70 -17.40 -4.44
C HIS A 256 -13.12 -18.56 -5.27
N PRO A 257 -13.37 -19.81 -4.85
CA PRO A 257 -12.79 -20.95 -5.58
C PRO A 257 -13.30 -21.07 -7.01
N ASP A 258 -14.55 -20.67 -7.27
CA ASP A 258 -15.05 -20.61 -8.63
C ASP A 258 -14.15 -19.72 -9.50
N ALA A 259 -13.79 -18.54 -9.00
CA ALA A 259 -12.95 -17.65 -9.81
C ALA A 259 -11.55 -18.22 -10.00
N VAL A 260 -11.00 -18.82 -8.95
CA VAL A 260 -9.69 -19.45 -9.06
C VAL A 260 -9.72 -20.54 -10.12
N GLN A 261 -10.79 -21.36 -10.11
CA GLN A 261 -10.86 -22.43 -11.10
C GLN A 261 -10.91 -21.87 -12.52
N GLU A 262 -11.59 -20.74 -12.70
CA GLU A 262 -11.61 -20.10 -14.02
C GLU A 262 -10.20 -19.69 -14.42
N LEU A 263 -9.47 -19.03 -13.52
CA LEU A 263 -8.08 -18.65 -13.78
C LEU A 263 -7.20 -19.87 -14.02
N HIS A 264 -7.44 -20.96 -13.30
CA HIS A 264 -6.72 -22.19 -13.58
C HIS A 264 -6.92 -22.64 -15.02
N ALA A 265 -8.16 -22.61 -15.48
CA ALA A 265 -8.51 -23.05 -16.83
C ALA A 265 -8.07 -22.06 -17.89
N HIS A 266 -7.93 -20.79 -17.52
CA HIS A 266 -7.68 -19.71 -18.47
C HIS A 266 -6.63 -18.76 -17.94
N PRO A 267 -5.35 -19.15 -18.00
CA PRO A 267 -4.31 -18.29 -17.42
C PRO A 267 -4.26 -16.90 -18.03
N GLU A 268 -4.81 -16.71 -19.23
CA GLU A 268 -4.77 -15.41 -19.89
C GLU A 268 -5.68 -14.39 -19.21
N ARG A 269 -6.56 -14.85 -18.32
CA ARG A 269 -7.46 -14.00 -17.56
C ARG A 269 -6.85 -13.48 -16.27
N VAL A 270 -5.64 -13.93 -15.92
CA VAL A 270 -5.02 -13.49 -14.66
C VAL A 270 -4.81 -11.99 -14.60
N PRO A 271 -4.31 -11.31 -15.65
CA PRO A 271 -4.18 -9.84 -15.54
C PRO A 271 -5.47 -9.13 -15.16
N SER A 272 -6.62 -9.53 -15.70
CA SER A 272 -7.86 -8.87 -15.29
C SER A 272 -8.17 -9.15 -13.82
N ALA A 273 -7.85 -10.35 -13.33
CA ALA A 273 -8.10 -10.67 -11.93
C ALA A 273 -7.20 -9.84 -11.02
N VAL A 274 -5.96 -9.55 -11.47
CA VAL A 274 -5.06 -8.70 -10.69
C VAL A 274 -5.65 -7.31 -10.52
N GLU A 275 -6.22 -6.77 -11.59
CA GLU A 275 -6.83 -5.44 -11.51
C GLU A 275 -8.07 -5.46 -10.63
N GLU A 276 -8.87 -6.53 -10.71
CA GLU A 276 -10.07 -6.60 -9.89
C GLU A 276 -9.72 -6.78 -8.41
N LEU A 277 -8.64 -7.50 -8.11
CA LEU A 277 -8.19 -7.58 -6.72
C LEU A 277 -7.79 -6.21 -6.21
N LEU A 278 -7.07 -5.44 -7.02
CA LEU A 278 -6.68 -4.08 -6.66
C LEU A 278 -7.88 -3.17 -6.40
N ARG A 279 -9.01 -3.44 -7.06
CA ARG A 279 -10.24 -2.69 -6.77
C ARG A 279 -10.95 -3.25 -5.54
N TYR A 280 -11.10 -4.58 -5.50
CA TYR A 280 -12.00 -5.21 -4.54
C TYR A 280 -11.37 -5.37 -3.16
N THR A 281 -10.10 -5.74 -3.11
CA THR A 281 -9.46 -6.08 -1.84
C THR A 281 -9.02 -4.80 -1.13
N PRO A 282 -9.54 -4.52 0.07
CA PRO A 282 -9.18 -3.27 0.76
C PRO A 282 -7.81 -3.34 1.41
N LEU A 283 -7.20 -2.16 1.57
CA LEU A 283 -5.83 -2.10 2.08
C LEU A 283 -5.71 -1.03 3.15
N SER A 284 -5.64 0.24 2.77
CA SER A 284 -5.49 1.27 3.79
C SER A 284 -6.73 1.34 4.68
N THR A 285 -6.51 1.63 5.96
CA THR A 285 -7.60 1.93 6.88
C THR A 285 -7.83 3.42 7.04
N GLY A 286 -7.03 4.25 6.36
CA GLY A 286 -7.31 5.65 6.28
C GLY A 286 -7.46 6.11 4.84
N SER A 287 -6.96 7.30 4.53
CA SER A 287 -7.21 7.91 3.24
C SER A 287 -5.95 8.56 2.71
N VAL A 288 -5.86 8.71 1.37
CA VAL A 288 -4.86 9.64 0.82
C VAL A 288 -5.29 11.06 1.13
N LYS A 289 -4.34 11.99 1.16
CA LYS A 289 -4.74 13.35 1.53
C LYS A 289 -4.07 14.40 0.67
N ARG A 290 -4.75 15.54 0.54
CA ARG A 290 -4.28 16.69 -0.21
C ARG A 290 -4.71 17.95 0.52
N MET A 291 -3.90 18.99 0.45
CA MET A 291 -4.25 20.26 1.08
C MET A 291 -4.53 21.28 -0.01
N ALA A 292 -5.65 21.97 0.12
CA ALA A 292 -5.97 23.09 -0.76
C ALA A 292 -4.90 24.19 -0.62
N THR A 293 -4.18 24.45 -1.72
CA THR A 293 -3.14 25.47 -1.79
C THR A 293 -3.70 26.88 -1.97
N GLU A 294 -5.00 27.00 -2.22
CA GLU A 294 -5.72 28.28 -2.28
C GLU A 294 -7.19 27.94 -2.07
N ASP A 295 -8.03 28.98 -2.01
CA ASP A 295 -9.47 28.74 -1.96
C ASP A 295 -9.92 28.04 -3.23
N LEU A 296 -10.49 26.85 -3.09
CA LEU A 296 -10.92 26.06 -4.23
C LEU A 296 -12.35 25.62 -4.00
N GLU A 297 -12.97 25.15 -5.09
CA GLU A 297 -14.31 24.60 -5.06
C GLU A 297 -14.26 23.21 -5.67
N ILE A 298 -14.90 22.26 -5.02
CA ILE A 298 -15.00 20.90 -5.52
C ILE A 298 -16.46 20.47 -5.51
N ASP A 299 -17.01 20.24 -6.71
CA ASP A 299 -18.42 19.87 -6.87
C ASP A 299 -19.33 20.81 -6.08
N GLY A 300 -19.03 22.10 -6.12
CA GLY A 300 -19.85 23.10 -5.49
C GLY A 300 -19.59 23.33 -4.02
N VAL A 301 -18.57 22.70 -3.44
CA VAL A 301 -18.23 22.90 -2.03
C VAL A 301 -16.94 23.69 -1.95
N ARG A 302 -16.97 24.78 -1.17
CA ARG A 302 -15.81 25.63 -0.99
C ARG A 302 -14.83 25.01 0.00
N ILE A 303 -13.58 24.89 -0.44
CA ILE A 303 -12.48 24.38 0.37
C ILE A 303 -11.52 25.54 0.58
N LYS A 304 -11.33 25.91 1.85
CA LYS A 304 -10.47 27.05 2.14
C LYS A 304 -9.00 26.65 2.03
N ALA A 305 -8.16 27.62 1.71
CA ALA A 305 -6.72 27.39 1.68
C ALA A 305 -6.27 26.85 3.03
N GLY A 306 -5.46 25.80 3.00
CA GLY A 306 -4.96 25.19 4.20
C GLY A 306 -5.76 24.02 4.69
N GLU A 307 -7.02 23.88 4.24
CA GLU A 307 -7.81 22.73 4.65
C GLU A 307 -7.36 21.48 3.89
N VAL A 308 -7.49 20.32 4.53
CA VAL A 308 -7.01 19.06 3.98
C VAL A 308 -8.22 18.22 3.59
N VAL A 309 -8.17 17.68 2.36
CA VAL A 309 -9.20 16.79 1.84
C VAL A 309 -8.60 15.41 1.70
N MET A 310 -9.31 14.42 2.23
CA MET A 310 -8.95 13.02 2.16
C MET A 310 -9.83 12.29 1.15
N VAL A 311 -9.29 11.24 0.54
CA VAL A 311 -10.05 10.32 -0.31
C VAL A 311 -9.84 8.92 0.23
N SER A 312 -10.91 8.26 0.64
CA SER A 312 -10.83 6.83 0.93
C SER A 312 -10.83 6.07 -0.39
N LEU A 313 -9.70 5.46 -0.72
CA LEU A 313 -9.63 4.68 -1.95
C LEU A 313 -10.58 3.49 -1.88
N GLU A 314 -10.69 2.88 -0.70
CA GLU A 314 -11.61 1.76 -0.51
C GLU A 314 -13.04 2.18 -0.79
N ALA A 315 -13.45 3.33 -0.27
CA ALA A 315 -14.81 3.80 -0.49
C ALA A 315 -15.07 4.07 -1.96
N VAL A 316 -14.11 4.68 -2.63
CA VAL A 316 -14.25 4.96 -4.06
C VAL A 316 -14.32 3.67 -4.86
N ASN A 317 -13.42 2.73 -4.56
CA ASN A 317 -13.41 1.44 -5.23
C ASN A 317 -14.70 0.67 -5.01
N HIS A 318 -15.47 0.97 -3.96
CA HIS A 318 -16.74 0.29 -3.76
C HIS A 318 -17.93 1.23 -3.99
N ASP A 319 -17.74 2.25 -4.81
CA ASP A 319 -18.80 3.17 -5.14
C ASP A 319 -19.72 2.56 -6.19
N PRO A 320 -21.00 2.35 -5.88
CA PRO A 320 -21.89 1.72 -6.88
C PRO A 320 -22.21 2.63 -8.06
N ASP A 321 -22.01 3.95 -7.95
CA ASP A 321 -22.15 4.81 -9.12
C ASP A 321 -21.07 4.58 -10.14
N ALA A 322 -19.94 4.00 -9.75
CA ALA A 322 -18.88 3.69 -10.69
C ALA A 322 -18.83 2.22 -11.05
N PHE A 323 -19.14 1.34 -10.12
CA PHE A 323 -19.02 -0.10 -10.36
C PHE A 323 -20.35 -0.77 -10.05
N GLU A 324 -20.95 -1.36 -11.07
CA GLU A 324 -22.12 -2.20 -10.88
C GLU A 324 -21.75 -3.38 -9.99
N ASP A 325 -22.56 -3.63 -8.96
CA ASP A 325 -22.27 -4.68 -7.98
C ASP A 325 -20.87 -4.49 -7.41
N PRO A 326 -20.62 -3.37 -6.74
CA PRO A 326 -19.23 -3.05 -6.32
C PRO A 326 -18.67 -4.00 -5.31
N ASP A 327 -19.51 -4.71 -4.55
CA ASP A 327 -19.04 -5.59 -3.50
C ASP A 327 -18.99 -7.04 -3.95
N VAL A 328 -19.08 -7.28 -5.26
CA VAL A 328 -18.87 -8.59 -5.84
C VAL A 328 -17.49 -8.63 -6.46
N PHE A 329 -16.76 -9.72 -6.23
CA PHE A 329 -15.45 -9.92 -6.85
C PHE A 329 -15.67 -10.47 -8.26
N ARG A 330 -15.35 -9.67 -9.28
CA ARG A 330 -15.69 -10.01 -10.66
C ARG A 330 -14.52 -9.74 -11.60
N PRO A 331 -13.61 -10.70 -11.75
CA PRO A 331 -12.54 -10.54 -12.74
C PRO A 331 -13.13 -10.42 -14.14
N GLY A 332 -12.53 -9.57 -14.96
CA GLY A 332 -13.13 -9.30 -16.25
C GLY A 332 -14.24 -8.28 -16.23
N ARG A 333 -14.61 -7.73 -15.07
CA ARG A 333 -15.57 -6.63 -15.10
C ARG A 333 -15.01 -5.51 -15.96
N GLU A 334 -15.91 -4.82 -16.64
CA GLU A 334 -15.54 -3.75 -17.57
C GLU A 334 -16.15 -2.45 -17.04
N GLY A 335 -15.54 -1.92 -15.98
CA GLY A 335 -15.90 -0.65 -15.42
C GLY A 335 -14.75 0.31 -15.54
N PRO A 336 -14.84 1.45 -14.87
CA PRO A 336 -13.76 2.42 -14.93
C PRO A 336 -12.51 1.96 -14.18
N MET A 337 -11.47 2.78 -14.25
CA MET A 337 -10.19 2.44 -13.63
C MET A 337 -10.32 2.40 -12.12
N HIS A 338 -9.69 1.42 -11.48
CA HIS A 338 -9.72 1.34 -10.02
C HIS A 338 -8.80 2.41 -9.40
N PHE A 339 -8.97 2.62 -8.10
CA PHE A 339 -8.17 3.55 -7.30
C PHE A 339 -7.18 2.84 -6.38
N GLY A 340 -6.93 1.54 -6.60
CA GLY A 340 -6.03 0.80 -5.72
C GLY A 340 -4.64 1.41 -5.66
N PHE A 341 -4.19 2.03 -6.75
CA PHE A 341 -2.91 2.71 -6.81
C PHE A 341 -3.05 4.22 -6.77
N GLY A 342 -4.26 4.73 -6.45
CA GLY A 342 -4.46 6.16 -6.46
C GLY A 342 -4.85 6.67 -7.84
N ARG A 343 -4.50 7.92 -8.11
CA ARG A 343 -4.99 8.62 -9.28
C ARG A 343 -4.18 9.89 -9.50
N GLY A 344 -3.87 10.20 -10.75
CA GLY A 344 -3.19 11.43 -11.07
C GLY A 344 -1.69 11.37 -10.98
N ARG A 345 -1.07 12.50 -10.63
CA ARG A 345 0.39 12.59 -10.61
C ARG A 345 1.02 11.67 -9.58
N HIS A 346 0.31 11.38 -8.49
CA HIS A 346 0.89 10.58 -7.42
C HIS A 346 0.47 9.12 -7.51
N PHE A 347 0.00 8.68 -8.68
CA PHE A 347 -0.23 7.28 -8.95
C PHE A 347 0.99 6.47 -8.55
N CYS A 348 0.75 5.41 -7.78
CA CYS A 348 1.83 4.66 -7.16
C CYS A 348 2.92 4.31 -8.18
N PRO A 349 4.12 4.87 -8.03
CA PRO A 349 5.22 4.48 -8.92
C PRO A 349 5.70 3.05 -8.68
N GLY A 350 5.37 2.47 -7.53
CA GLY A 350 5.55 1.05 -7.28
C GLY A 350 4.56 0.16 -8.00
N ASN A 351 3.66 0.71 -8.83
CA ASN A 351 2.57 -0.11 -9.37
C ASN A 351 3.08 -1.21 -10.28
N ARG A 352 4.20 -1.00 -10.98
CA ARG A 352 4.68 -2.03 -11.91
C ARG A 352 5.19 -3.24 -11.15
N LEU A 353 6.07 -3.01 -10.16
CA LEU A 353 6.57 -4.10 -9.34
C LEU A 353 5.47 -4.73 -8.49
N ALA A 354 4.51 -3.93 -8.01
CA ALA A 354 3.41 -4.50 -7.22
C ALA A 354 2.56 -5.42 -8.09
N ARG A 355 2.21 -4.98 -9.30
CA ARG A 355 1.44 -5.83 -10.21
C ARG A 355 2.22 -7.10 -10.52
N CYS A 356 3.54 -6.99 -10.64
CA CYS A 356 4.35 -8.16 -10.93
C CYS A 356 4.25 -9.20 -9.82
N VAL A 357 4.40 -8.77 -8.56
CA VAL A 357 4.34 -9.71 -7.44
C VAL A 357 2.92 -10.23 -7.24
N ILE A 358 1.91 -9.35 -7.37
CA ILE A 358 0.51 -9.79 -7.27
C ILE A 358 0.23 -10.85 -8.35
N GLU A 359 0.59 -10.54 -9.59
CA GLU A 359 0.36 -11.50 -10.65
C GLU A 359 1.06 -12.84 -10.36
N ALA A 360 2.31 -12.78 -9.90
CA ALA A 360 3.00 -14.03 -9.56
C ALA A 360 2.23 -14.81 -8.49
N THR A 361 1.68 -14.10 -7.50
CA THR A 361 0.91 -14.76 -6.45
C THR A 361 -0.36 -15.38 -7.01
N VAL A 362 -1.09 -14.64 -7.85
CA VAL A 362 -2.34 -15.15 -8.40
C VAL A 362 -2.07 -16.39 -9.26
N ARG A 363 -1.00 -16.38 -10.05
CA ARG A 363 -0.72 -17.55 -10.89
C ARG A 363 -0.32 -18.76 -10.05
N ALA A 364 0.49 -18.55 -9.01
CA ALA A 364 0.90 -19.66 -8.15
C ALA A 364 -0.31 -20.30 -7.49
N VAL A 365 -1.30 -19.49 -7.09
CA VAL A 365 -2.54 -20.02 -6.54
C VAL A 365 -3.37 -20.71 -7.63
N ALA A 366 -3.56 -20.05 -8.77
CA ALA A 366 -4.40 -20.63 -9.81
C ALA A 366 -3.85 -21.93 -10.34
N ARG A 367 -2.53 -22.12 -10.27
CA ARG A 367 -1.95 -23.37 -10.75
C ARG A 367 -2.21 -24.53 -9.80
N ARG A 368 -2.64 -24.27 -8.57
CA ARG A 368 -2.80 -25.32 -7.56
C ARG A 368 -4.20 -25.23 -6.95
N PRO A 369 -5.23 -25.51 -7.75
CA PRO A 369 -6.59 -25.45 -7.21
C PRO A 369 -6.75 -26.40 -6.04
N GLY A 370 -7.70 -26.07 -5.17
CA GLY A 370 -7.87 -26.82 -3.94
C GLY A 370 -7.28 -26.16 -2.71
N LEU A 371 -6.42 -25.15 -2.90
CA LEU A 371 -5.93 -24.39 -1.75
C LEU A 371 -7.10 -23.67 -1.07
N ARG A 372 -7.20 -23.83 0.26
CA ARG A 372 -8.35 -23.28 0.97
C ARG A 372 -7.91 -22.84 2.36
N LEU A 373 -8.72 -21.95 2.94
CA LEU A 373 -8.55 -21.57 4.34
C LEU A 373 -8.78 -22.78 5.22
N ALA A 374 -7.97 -22.89 6.28
CA ALA A 374 -8.12 -23.97 7.24
C ALA A 374 -9.04 -23.57 8.39
N VAL A 375 -9.46 -22.32 8.44
CA VAL A 375 -10.44 -21.84 9.39
C VAL A 375 -11.49 -21.03 8.62
N ALA A 376 -12.53 -20.60 9.33
CA ALA A 376 -13.56 -19.83 8.66
C ALA A 376 -13.09 -18.38 8.49
N PRO A 377 -13.59 -17.67 7.47
CA PRO A 377 -13.17 -16.28 7.30
C PRO A 377 -13.37 -15.46 8.56
N GLU A 378 -14.46 -15.71 9.29
CA GLU A 378 -14.75 -14.99 10.53
C GLU A 378 -13.74 -15.30 11.62
N GLU A 379 -13.09 -16.46 11.55
CA GLU A 379 -12.12 -16.79 12.59
C GLU A 379 -10.73 -16.23 12.31
N ILE A 380 -10.51 -15.63 11.14
CA ILE A 380 -9.26 -14.95 10.88
C ILE A 380 -9.07 -13.80 11.87
N SER A 381 -7.87 -13.69 12.42
CA SER A 381 -7.54 -12.64 13.38
C SER A 381 -6.81 -11.50 12.67
N TRP A 382 -7.21 -10.27 12.96
CA TRP A 382 -6.67 -9.08 12.29
C TRP A 382 -5.84 -8.25 13.25
N HIS A 383 -4.70 -7.75 12.77
CA HIS A 383 -3.99 -6.70 13.47
C HIS A 383 -4.91 -5.48 13.57
N GLU A 384 -5.13 -5.00 14.78
CA GLU A 384 -6.01 -3.86 15.01
C GLU A 384 -5.19 -2.58 15.08
N GLY A 385 -5.58 -1.58 14.30
CA GLY A 385 -4.98 -0.27 14.43
C GLY A 385 -3.89 0.04 13.42
N LEU A 386 -3.54 -0.91 12.55
CA LEU A 386 -2.54 -0.66 11.53
C LEU A 386 -3.08 0.33 10.48
N GLY A 387 -2.17 1.08 9.87
CA GLY A 387 -2.53 1.92 8.75
C GLY A 387 -2.91 1.14 7.50
N PHE A 388 -2.44 -0.10 7.38
CA PHE A 388 -2.74 -0.94 6.22
C PHE A 388 -3.19 -2.29 6.74
N ARG A 389 -4.43 -2.69 6.42
CA ARG A 389 -5.03 -3.92 6.95
C ARG A 389 -4.09 -5.11 6.77
N ARG A 390 -4.01 -5.96 7.80
CA ARG A 390 -3.25 -7.20 7.62
C ARG A 390 -3.69 -8.25 8.64
N PRO A 391 -4.01 -9.47 8.19
CA PRO A 391 -4.36 -10.51 9.16
C PRO A 391 -3.12 -10.96 9.90
N ARG A 392 -3.33 -11.38 11.15
CA ARG A 392 -2.23 -11.89 11.97
C ARG A 392 -1.68 -13.20 11.40
N ALA A 393 -2.55 -14.04 10.86
CA ALA A 393 -2.15 -15.29 10.23
C ALA A 393 -3.21 -15.67 9.20
N ILE A 394 -2.83 -16.50 8.24
CA ILE A 394 -3.76 -17.02 7.25
C ILE A 394 -3.66 -18.54 7.22
N PRO A 395 -4.31 -19.23 8.17
CA PRO A 395 -4.28 -20.70 8.19
C PRO A 395 -4.86 -21.30 6.91
N ALA A 396 -4.10 -22.17 6.27
CA ALA A 396 -4.52 -22.69 4.98
C ALA A 396 -4.02 -24.12 4.78
N THR A 397 -4.64 -24.80 3.81
CA THR A 397 -4.34 -26.21 3.57
C THR A 397 -4.82 -26.57 2.16
N TRP A 398 -4.33 -27.71 1.67
N TRP A 398 -4.29 -27.68 1.66
CA TRP A 398 -4.90 -28.33 0.48
CA TRP A 398 -4.88 -28.38 0.52
C TRP A 398 -5.81 -29.50 0.87
C TRP A 398 -5.72 -29.54 1.06
CHA HEM B . 2.08 6.02 -3.61
CHB HEM B . 6.08 3.32 -3.84
CHC HEM B . 3.48 -0.73 -3.42
CHD HEM B . -0.54 1.95 -3.30
C1A HEM B . 3.39 5.64 -3.63
C2A HEM B . 4.52 6.54 -3.58
C3A HEM B . 5.63 5.79 -3.65
C4A HEM B . 5.22 4.40 -3.75
CMA HEM B . 7.08 6.33 -3.62
CAA HEM B . 4.47 8.09 -3.47
CBA HEM B . 4.18 8.68 -4.85
CGA HEM B . 3.91 10.16 -4.77
O1A HEM B . 4.12 10.87 -5.79
O2A HEM B . 3.50 10.65 -3.67
C1B HEM B . 5.72 2.00 -3.78
C2B HEM B . 6.64 0.88 -3.89
C3B HEM B . 5.91 -0.24 -3.76
C4B HEM B . 4.53 0.15 -3.60
CMB HEM B . 8.16 1.07 -4.10
CAB HEM B . 6.32 -1.73 -3.82
CBB HEM B . 7.49 -2.14 -4.31
C1C HEM B . 2.16 -0.36 -3.35
C2C HEM B . 1.02 -1.27 -3.25
C3C HEM B . -0.09 -0.50 -3.20
C4C HEM B . 0.32 0.88 -3.30
CMC HEM B . 1.15 -2.81 -3.16
CAC HEM B . -1.57 -0.94 -3.11
CBC HEM B . -2.00 -2.11 -3.59
C1D HEM B . -0.15 3.26 -3.39
C2D HEM B . -1.08 4.36 -3.47
C3D HEM B . -0.39 5.50 -3.57
C4D HEM B . 1.02 5.14 -3.55
CMD HEM B . -2.61 4.16 -3.43
CAD HEM B . -0.95 6.93 -3.69
CBD HEM B . -0.84 7.73 -2.40
CGD HEM B . -1.34 9.16 -2.59
O1D HEM B . -2.10 9.46 -3.54
O2D HEM B . -0.98 10.02 -1.75
NA HEM B . 3.85 4.35 -3.73
NB HEM B . 4.44 1.51 -3.61
NC HEM B . 1.68 0.94 -3.39
ND HEM B . 1.13 3.77 -3.44
FE HEM B . 2.74 2.58 -3.63
CA CA C . -4.07 25.99 8.91
#